data_4ODL
#
_entry.id   4ODL
#
_cell.length_a   110.880
_cell.length_b   110.880
_cell.length_c   182.310
_cell.angle_alpha   90.00
_cell.angle_beta   90.00
_cell.angle_gamma   120.00
#
_symmetry.space_group_name_H-M   'P 62 2 2'
#
loop_
_entity.id
_entity.type
_entity.pdbx_description
1 polymer 'Peptidyl-prolyl cis-trans isomerase SlyD'
2 polymer '30S ribosomal protein S2'
3 non-polymer 'CHLORIDE ION'
4 water water
#
loop_
_entity_poly.entity_id
_entity_poly.type
_entity_poly.pdbx_seq_one_letter_code
_entity_poly.pdbx_strand_id
1 'polypeptide(L)'
;MKVGQDKVVTIRYTLQVEGEVLDQGELSYLHGHRNLIPGLEEALEGREEGEAFQAHVPAEKAYGPHDPEGVQVVPLSAFP
EDAEVVPGAQFYAQDMEGNPMPLTVVAVEGEEVTVDFNHPLAGKDLDFQVEVVKVREATPEELLHGHAHPSGHHHHHH
;
A,B
2 'polypeptide(L)' TRYWNPKMKPFIFGA(NH2) C,D,E,F
#
loop_
_chem_comp.id
_chem_comp.type
_chem_comp.name
_chem_comp.formula
CL non-polymer 'CHLORIDE ION' 'Cl -1'
NH2 non-polymer 'AMINO GROUP' 'H2 N'
#
# COMPACT_ATOMS: atom_id res chain seq x y z
N MET A 1 23.30 30.01 20.19
CA MET A 1 22.18 30.85 19.79
C MET A 1 21.33 31.24 20.99
N LYS A 2 21.15 32.53 21.19
CA LYS A 2 20.46 33.04 22.37
C LYS A 2 18.94 33.12 22.20
N VAL A 3 18.23 32.82 23.28
CA VAL A 3 16.77 32.94 23.30
C VAL A 3 16.38 34.38 23.04
N GLY A 4 15.48 34.58 22.08
CA GLY A 4 15.01 35.91 21.75
C GLY A 4 13.80 35.86 20.85
N GLN A 5 13.45 37.01 20.29
CA GLN A 5 12.29 37.12 19.42
C GLN A 5 12.30 36.11 18.28
N ASP A 6 11.15 35.49 18.03
CA ASP A 6 10.95 34.55 16.92
C ASP A 6 11.82 33.29 16.96
N LYS A 7 12.44 33.03 18.11
CA LYS A 7 13.21 31.81 18.28
C LYS A 7 12.29 30.71 18.83
N VAL A 8 12.41 29.51 18.28
CA VAL A 8 11.73 28.36 18.88
C VAL A 8 12.62 27.81 19.98
N VAL A 9 12.12 27.87 21.22
CA VAL A 9 12.91 27.49 22.38
C VAL A 9 12.35 26.24 23.05
N THR A 10 13.24 25.28 23.31
CA THR A 10 12.86 24.05 23.98
C THR A 10 13.40 24.04 25.41
N ILE A 11 12.52 23.81 26.38
CA ILE A 11 12.94 23.81 27.78
C ILE A 11 12.52 22.56 28.53
N ARG A 12 13.37 22.12 29.46
CA ARG A 12 12.97 21.15 30.47
C ARG A 12 12.69 21.92 31.75
N TYR A 13 11.57 21.63 32.39
CA TYR A 13 11.15 22.42 33.52
C TYR A 13 10.66 21.59 34.70
N THR A 14 10.70 22.19 35.88
CA THR A 14 10.08 21.61 37.06
C THR A 14 9.28 22.69 37.76
N LEU A 15 7.98 22.47 37.89
CA LEU A 15 7.10 23.45 38.51
C LEU A 15 6.86 23.14 39.98
N GLN A 16 7.17 24.11 40.85
CA GLN A 16 6.90 23.98 42.26
C GLN A 16 5.99 25.09 42.77
N VAL A 17 5.09 24.73 43.68
CA VAL A 17 4.27 25.72 44.37
C VAL A 17 4.31 25.44 45.86
N GLU A 18 4.98 26.31 46.61
CA GLU A 18 5.12 26.19 48.07
C GLU A 18 5.86 24.93 48.51
N GLY A 19 6.58 24.30 47.59
CA GLY A 19 7.39 23.13 47.92
C GLY A 19 6.87 21.87 47.26
N GLU A 20 5.60 21.92 46.83
CA GLU A 20 4.99 20.80 46.14
C GLU A 20 5.38 20.79 44.66
N VAL A 21 6.12 19.76 44.25
CA VAL A 21 6.52 19.62 42.86
C VAL A 21 5.30 19.20 42.04
N LEU A 22 4.57 20.19 41.54
CA LEU A 22 3.32 19.93 40.83
C LEU A 22 3.51 19.21 39.49
N ASP A 23 4.37 19.75 38.64
CA ASP A 23 4.52 19.19 37.29
C ASP A 23 5.96 19.21 36.78
N GLN A 24 6.25 18.29 35.86
CA GLN A 24 7.55 18.19 35.24
C GLN A 24 7.34 17.97 33.74
N GLY A 25 8.42 18.00 32.96
CA GLY A 25 8.31 17.73 31.55
C GLY A 25 9.14 18.61 30.63
N GLU A 26 8.76 18.63 29.36
CA GLU A 26 9.53 19.30 28.33
C GLU A 26 8.61 19.91 27.28
N LEU A 27 8.87 21.16 26.91
CA LEU A 27 8.08 21.81 25.87
C LEU A 27 8.92 22.65 24.93
N SER A 28 8.33 23.02 23.81
CA SER A 28 8.91 24.03 22.93
C SER A 28 7.87 25.12 22.67
N TYR A 29 8.32 26.36 22.57
CA TYR A 29 7.41 27.47 22.33
C TYR A 29 8.05 28.47 21.38
N LEU A 30 7.21 29.27 20.73
CA LEU A 30 7.71 30.37 19.91
C LEU A 30 7.84 31.61 20.80
N HIS A 31 9.07 32.07 20.96
CA HIS A 31 9.38 33.18 21.86
C HIS A 31 8.93 34.53 21.29
N GLY A 32 8.28 35.34 22.12
CA GLY A 32 7.87 36.67 21.74
C GLY A 32 6.52 36.75 21.06
N HIS A 33 5.70 35.72 21.21
CA HIS A 33 4.36 35.70 20.63
C HIS A 33 3.28 35.48 21.67
N ARG A 34 3.61 35.75 22.92
CA ARG A 34 2.71 35.56 24.05
C ARG A 34 2.22 34.12 24.20
N ASN A 35 3.10 33.16 23.92
CA ASN A 35 2.72 31.75 24.04
C ASN A 35 3.08 31.16 25.40
N LEU A 36 4.07 31.76 26.04
CA LEU A 36 4.52 31.33 27.35
C LEU A 36 4.15 32.41 28.34
N ILE A 37 4.00 32.03 29.61
CA ILE A 37 3.68 33.01 30.65
C ILE A 37 4.78 34.07 30.71
N PRO A 38 4.37 35.35 30.83
CA PRO A 38 5.28 36.51 30.82
C PRO A 38 6.52 36.34 31.70
N GLY A 39 6.30 36.07 32.99
CA GLY A 39 7.38 35.91 33.94
C GLY A 39 8.45 34.92 33.52
N LEU A 40 8.02 33.74 33.10
CA LEU A 40 8.95 32.70 32.70
C LEU A 40 9.64 33.05 31.38
N GLU A 41 8.97 33.87 30.57
CA GLU A 41 9.53 34.28 29.29
C GLU A 41 10.59 35.35 29.50
N GLU A 42 10.30 36.29 30.38
CA GLU A 42 11.23 37.37 30.71
C GLU A 42 12.51 36.79 31.29
N ALA A 43 12.37 35.69 32.02
CA ALA A 43 13.50 35.02 32.64
C ALA A 43 14.33 34.28 31.60
N LEU A 44 13.70 33.94 30.49
CA LEU A 44 14.36 33.17 29.44
C LEU A 44 15.06 34.05 28.40
N GLU A 45 14.70 35.33 28.36
CA GLU A 45 15.25 36.26 27.39
C GLU A 45 16.77 36.35 27.47
N GLY A 46 17.43 36.08 26.34
CA GLY A 46 18.88 36.22 26.25
C GLY A 46 19.67 35.00 26.63
N ARG A 47 18.99 33.98 27.16
CA ARG A 47 19.67 32.77 27.62
C ARG A 47 20.27 31.95 26.48
N GLU A 48 21.34 31.23 26.77
CA GLU A 48 22.01 30.38 25.79
C GLU A 48 21.59 28.92 25.94
N GLU A 49 21.88 28.13 24.90
CA GLU A 49 21.64 26.69 24.95
C GLU A 49 22.47 26.04 26.04
N GLY A 50 21.80 25.37 26.98
CA GLY A 50 22.49 24.64 28.03
C GLY A 50 22.36 25.26 29.41
N GLU A 51 22.12 26.57 29.45
CA GLU A 51 22.01 27.28 30.72
C GLU A 51 20.93 26.71 31.63
N ALA A 52 21.23 26.63 32.92
CA ALA A 52 20.26 26.17 33.91
C ALA A 52 20.09 27.23 34.99
N PHE A 53 18.84 27.52 35.35
CA PHE A 53 18.56 28.57 36.31
C PHE A 53 17.23 28.33 37.04
N GLN A 54 16.98 29.16 38.06
CA GLN A 54 15.72 29.12 38.79
C GLN A 54 14.95 30.41 38.60
N ALA A 55 13.62 30.32 38.66
CA ALA A 55 12.77 31.48 38.42
C ALA A 55 11.54 31.51 39.31
N HIS A 56 11.35 32.65 39.98
CA HIS A 56 10.14 32.88 40.77
C HIS A 56 9.17 33.73 39.96
N VAL A 57 7.96 33.22 39.77
CA VAL A 57 6.97 33.94 38.97
C VAL A 57 5.70 34.22 39.77
N PRO A 58 5.43 35.50 40.06
CA PRO A 58 4.22 35.90 40.77
C PRO A 58 2.99 35.65 39.92
N ALA A 59 1.82 35.66 40.54
CA ALA A 59 0.57 35.44 39.81
C ALA A 59 0.38 36.49 38.72
N GLU A 60 0.75 37.72 39.03
CA GLU A 60 0.66 38.84 38.09
C GLU A 60 1.32 38.53 36.73
N LYS A 61 2.43 37.81 36.77
CA LYS A 61 3.16 37.49 35.55
C LYS A 61 3.01 36.01 35.20
N ALA A 62 2.08 35.34 35.87
CA ALA A 62 1.78 33.95 35.55
C ALA A 62 0.42 33.77 34.89
N TYR A 63 -0.61 33.46 35.68
CA TYR A 63 -1.95 33.32 35.15
C TYR A 63 -2.93 34.28 35.82
N GLY A 64 -2.37 35.37 36.34
CA GLY A 64 -3.16 36.45 36.89
C GLY A 64 -3.88 36.15 38.18
N PRO A 65 -4.81 37.03 38.56
CA PRO A 65 -5.58 36.94 39.80
C PRO A 65 -6.64 35.86 39.70
N HIS A 66 -7.34 35.62 40.79
CA HIS A 66 -8.39 34.62 40.82
C HIS A 66 -9.72 35.35 41.02
N ASP A 67 -10.41 35.62 39.92
CA ASP A 67 -11.69 36.33 39.98
C ASP A 67 -12.72 35.45 40.69
N PRO A 68 -13.26 35.94 41.81
CA PRO A 68 -14.30 35.21 42.54
C PRO A 68 -15.58 35.08 41.72
N GLU A 69 -15.79 35.97 40.75
CA GLU A 69 -16.95 35.86 39.86
C GLU A 69 -16.80 34.68 38.89
N GLY A 70 -15.60 34.13 38.83
CA GLY A 70 -15.35 32.95 38.02
C GLY A 70 -15.89 31.69 38.67
N VAL A 71 -16.29 31.79 39.93
CA VAL A 71 -16.86 30.67 40.65
C VAL A 71 -18.39 30.72 40.64
N GLN A 72 -18.99 29.83 39.86
CA GLN A 72 -20.43 29.86 39.65
C GLN A 72 -21.07 28.52 40.01
N VAL A 73 -22.37 28.54 40.26
CA VAL A 73 -23.13 27.32 40.55
C VAL A 73 -24.00 26.96 39.35
N VAL A 74 -23.88 25.70 38.90
CA VAL A 74 -24.65 25.23 37.77
C VAL A 74 -25.39 23.94 38.11
N PRO A 75 -26.57 23.73 37.52
CA PRO A 75 -27.34 22.49 37.77
C PRO A 75 -26.60 21.24 37.32
N LEU A 76 -26.78 20.15 38.07
CA LEU A 76 -26.14 18.87 37.77
C LEU A 76 -26.68 18.27 36.47
N SER A 77 -27.89 18.69 36.08
CA SER A 77 -28.53 18.16 34.88
C SER A 77 -27.91 18.70 33.60
N ALA A 78 -27.14 19.77 33.71
CA ALA A 78 -26.51 20.40 32.55
C ALA A 78 -25.29 19.62 32.07
N PHE A 79 -24.88 18.63 32.86
CA PHE A 79 -23.70 17.83 32.55
C PHE A 79 -24.05 16.61 31.70
N PRO A 80 -23.09 16.14 30.90
CA PRO A 80 -23.24 14.92 30.09
C PRO A 80 -23.77 13.76 30.92
N GLU A 81 -24.70 13.00 30.35
CA GLU A 81 -25.40 11.94 31.06
C GLU A 81 -24.44 10.95 31.74
N ASP A 82 -23.41 10.54 31.03
CA ASP A 82 -22.50 9.51 31.54
C ASP A 82 -21.11 10.04 31.83
N ALA A 83 -21.05 11.20 32.47
CA ALA A 83 -19.77 11.79 32.86
C ALA A 83 -19.66 11.88 34.38
N GLU A 84 -18.47 11.62 34.90
CA GLU A 84 -18.22 11.74 36.34
C GLU A 84 -18.13 13.20 36.76
N VAL A 85 -19.15 13.68 37.46
CA VAL A 85 -19.16 15.06 37.94
C VAL A 85 -18.69 15.12 39.38
N VAL A 86 -17.38 15.24 39.56
CA VAL A 86 -16.75 15.20 40.87
C VAL A 86 -15.69 16.31 40.95
N PRO A 87 -15.24 16.64 42.17
CA PRO A 87 -14.18 17.66 42.30
C PRO A 87 -12.94 17.35 41.46
N GLY A 88 -12.44 18.37 40.75
CA GLY A 88 -11.24 18.19 39.94
C GLY A 88 -11.55 17.82 38.50
N ALA A 89 -12.76 17.35 38.25
CA ALA A 89 -13.17 16.97 36.90
C ALA A 89 -13.25 18.22 36.03
N GLN A 90 -12.80 18.09 34.78
CA GLN A 90 -12.77 19.22 33.87
C GLN A 90 -13.78 19.08 32.73
N PHE A 91 -14.52 20.15 32.47
CA PHE A 91 -15.48 20.18 31.37
C PHE A 91 -15.38 21.51 30.63
N TYR A 92 -16.29 21.71 29.68
CA TYR A 92 -16.35 22.98 28.94
C TYR A 92 -17.77 23.54 28.97
N ALA A 93 -17.87 24.86 28.97
CA ALA A 93 -19.15 25.54 28.90
C ALA A 93 -19.23 26.37 27.62
N GLN A 94 -20.42 26.48 27.06
CA GLN A 94 -20.59 27.23 25.81
C GLN A 94 -21.98 27.84 25.71
N ASP A 95 -22.05 29.01 25.08
CA ASP A 95 -23.31 29.74 24.94
C ASP A 95 -23.43 30.38 23.55
N MET A 96 -24.28 31.39 23.45
CA MET A 96 -24.50 32.08 22.17
C MET A 96 -23.24 32.78 21.69
N GLU A 97 -22.33 33.08 22.62
CA GLU A 97 -21.04 33.70 22.29
C GLU A 97 -20.24 32.83 21.32
N GLY A 98 -20.44 31.52 21.41
CA GLY A 98 -19.77 30.58 20.53
C GLY A 98 -18.33 30.31 20.96
N ASN A 99 -18.00 30.71 22.19
CA ASN A 99 -16.66 30.50 22.73
C ASN A 99 -16.64 29.50 23.87
N PRO A 100 -16.13 28.28 23.60
CA PRO A 100 -15.97 27.25 24.63
C PRO A 100 -14.94 27.69 25.67
N MET A 101 -15.38 27.79 26.92
CA MET A 101 -14.49 28.14 28.03
C MET A 101 -14.46 27.00 29.05
N PRO A 102 -13.26 26.62 29.50
CA PRO A 102 -13.07 25.47 30.38
C PRO A 102 -13.37 25.75 31.84
N LEU A 103 -13.69 24.70 32.59
CA LEU A 103 -14.04 24.82 34.00
C LEU A 103 -13.57 23.61 34.79
N THR A 104 -13.36 23.80 36.09
CA THR A 104 -13.04 22.69 36.98
C THR A 104 -14.14 22.59 38.04
N VAL A 105 -14.67 21.39 38.23
CA VAL A 105 -15.68 21.18 39.25
C VAL A 105 -15.04 21.29 40.63
N VAL A 106 -15.58 22.16 41.46
CA VAL A 106 -15.05 22.35 42.81
C VAL A 106 -15.78 21.44 43.79
N ALA A 107 -17.08 21.62 43.92
CA ALA A 107 -17.87 20.86 44.87
C ALA A 107 -19.23 20.48 44.28
N VAL A 108 -19.75 19.34 44.73
CA VAL A 108 -21.07 18.89 44.31
C VAL A 108 -21.96 18.78 45.53
N GLU A 109 -23.02 19.59 45.56
CA GLU A 109 -23.95 19.61 46.68
C GLU A 109 -25.38 19.44 46.17
N GLY A 110 -25.89 18.21 46.25
CA GLY A 110 -27.22 17.91 45.76
C GLY A 110 -27.33 18.10 44.26
N GLU A 111 -28.22 19.00 43.85
CA GLU A 111 -28.40 19.31 42.44
C GLU A 111 -27.58 20.56 42.07
N GLU A 112 -26.79 21.04 43.02
CA GLU A 112 -25.98 22.24 42.80
C GLU A 112 -24.50 21.90 42.66
N VAL A 113 -23.94 22.22 41.50
CA VAL A 113 -22.53 21.97 41.24
C VAL A 113 -21.73 23.28 41.19
N THR A 114 -20.74 23.38 42.07
CA THR A 114 -19.88 24.56 42.11
C THR A 114 -18.67 24.38 41.21
N VAL A 115 -18.54 25.25 40.22
CA VAL A 115 -17.47 25.14 39.25
C VAL A 115 -16.58 26.38 39.29
N ASP A 116 -15.35 26.24 38.78
CA ASP A 116 -14.40 27.34 38.77
C ASP A 116 -13.84 27.58 37.37
N PHE A 117 -14.11 28.77 36.84
CA PHE A 117 -13.65 29.14 35.50
C PHE A 117 -12.22 29.69 35.50
N ASN A 118 -11.72 30.03 36.68
CA ASN A 118 -10.35 30.50 36.81
C ASN A 118 -9.36 29.43 36.37
N HIS A 119 -8.16 29.86 36.02
CA HIS A 119 -7.08 28.92 35.75
C HIS A 119 -6.76 28.20 37.05
N PRO A 120 -6.46 26.90 36.97
CA PRO A 120 -6.10 26.10 38.14
C PRO A 120 -5.02 26.75 39.00
N LEU A 121 -4.13 27.52 38.37
CA LEU A 121 -3.03 28.17 39.09
C LEU A 121 -3.25 29.68 39.26
N ALA A 122 -4.45 30.15 38.94
CA ALA A 122 -4.77 31.56 39.09
C ALA A 122 -4.70 31.99 40.55
N GLY A 123 -3.75 32.85 40.86
CA GLY A 123 -3.58 33.35 42.22
C GLY A 123 -2.34 32.82 42.91
N LYS A 124 -1.75 31.77 42.33
CA LYS A 124 -0.57 31.16 42.91
C LYS A 124 0.73 31.79 42.41
N ASP A 125 1.78 31.68 43.20
CA ASP A 125 3.11 32.06 42.76
C ASP A 125 3.86 30.80 42.37
N LEU A 126 4.41 30.80 41.15
CA LEU A 126 5.07 29.60 40.63
C LEU A 126 6.59 29.69 40.75
N ASP A 127 7.20 28.59 41.17
CA ASP A 127 8.65 28.48 41.20
C ASP A 127 9.12 27.48 40.14
N PHE A 128 10.15 27.87 39.39
CA PHE A 128 10.58 27.06 38.26
C PHE A 128 12.04 26.63 38.32
N GLN A 129 12.28 25.37 37.99
CA GLN A 129 13.62 24.87 37.74
C GLN A 129 13.74 24.66 36.23
N VAL A 130 14.49 25.52 35.57
CA VAL A 130 14.50 25.54 34.11
C VAL A 130 15.85 25.19 33.50
N GLU A 131 15.82 24.37 32.45
CA GLU A 131 17.01 24.09 31.65
C GLU A 131 16.74 24.36 30.17
N VAL A 132 17.50 25.29 29.61
CA VAL A 132 17.39 25.58 28.18
C VAL A 132 18.02 24.44 27.37
N VAL A 133 17.17 23.63 26.75
CA VAL A 133 17.63 22.48 25.99
C VAL A 133 18.17 22.88 24.62
N LYS A 134 17.33 23.54 23.83
CA LYS A 134 17.71 23.88 22.47
C LYS A 134 17.12 25.23 22.06
N VAL A 135 17.83 25.91 21.16
CA VAL A 135 17.36 27.17 20.60
C VAL A 135 17.58 27.18 19.09
N ARG A 136 16.49 27.21 18.33
CA ARG A 136 16.58 27.26 16.88
C ARG A 136 15.73 28.39 16.32
N GLU A 137 15.95 28.70 15.04
CA GLU A 137 15.13 29.66 14.34
C GLU A 137 13.78 29.06 13.97
N ALA A 138 12.75 29.89 13.93
CA ALA A 138 11.42 29.43 13.55
C ALA A 138 11.28 29.38 12.03
N THR A 139 10.48 28.44 11.56
CA THR A 139 10.19 28.31 10.15
C THR A 139 9.15 29.35 9.75
N PRO A 140 9.05 29.66 8.45
CA PRO A 140 7.99 30.57 7.97
C PRO A 140 6.60 30.12 8.39
N GLU A 141 6.34 28.82 8.33
CA GLU A 141 5.07 28.26 8.74
C GLU A 141 4.78 28.61 10.18
N GLU A 142 5.76 28.40 11.05
CA GLU A 142 5.62 28.68 12.47
C GLU A 142 5.29 30.15 12.72
N LEU A 143 6.03 31.04 12.08
CA LEU A 143 5.75 32.48 12.20
C LEU A 143 4.37 32.83 11.69
N LEU A 144 3.96 32.17 10.61
CA LEU A 144 2.63 32.38 10.05
C LEU A 144 1.54 31.97 11.03
N HIS A 145 1.75 30.87 11.72
CA HIS A 145 0.77 30.35 12.66
C HIS A 145 0.92 30.97 14.04
N GLY A 146 2.09 31.55 14.31
CA GLY A 146 2.33 32.21 15.58
C GLY A 146 2.53 31.20 16.70
N HIS A 147 2.70 29.94 16.34
CA HIS A 147 2.95 28.87 17.30
C HIS A 147 4.07 27.97 16.81
N ALA A 148 4.74 27.31 17.75
CA ALA A 148 5.76 26.34 17.40
C ALA A 148 5.09 25.09 16.85
N HIS A 149 5.82 24.35 16.02
CA HIS A 149 5.29 23.11 15.46
C HIS A 149 5.53 21.95 16.41
N PRO A 150 4.45 21.35 16.93
CA PRO A 150 4.53 20.23 17.87
C PRO A 150 4.89 18.92 17.18
N MET B 1 26.43 -14.95 -26.07
CA MET B 1 26.90 -16.33 -25.95
C MET B 1 26.23 -17.21 -27.00
N LYS B 2 26.71 -18.44 -27.12
CA LYS B 2 26.24 -19.35 -28.17
C LYS B 2 25.06 -20.20 -27.71
N VAL B 3 24.34 -20.76 -28.69
CA VAL B 3 23.27 -21.69 -28.41
C VAL B 3 23.83 -23.08 -28.13
N GLY B 4 23.46 -23.65 -27.00
CA GLY B 4 23.93 -24.97 -26.63
C GLY B 4 23.16 -25.55 -25.47
N GLN B 5 23.68 -26.64 -24.91
CA GLN B 5 23.03 -27.36 -23.82
C GLN B 5 22.69 -26.46 -22.64
N ASP B 6 21.48 -26.61 -22.12
CA ASP B 6 21.02 -25.91 -20.92
C ASP B 6 20.92 -24.39 -21.06
N LYS B 7 20.99 -23.89 -22.29
CA LYS B 7 20.78 -22.47 -22.53
C LYS B 7 19.31 -22.24 -22.85
N VAL B 8 18.75 -21.16 -22.32
CA VAL B 8 17.42 -20.73 -22.74
C VAL B 8 17.58 -19.79 -23.93
N VAL B 9 16.90 -20.11 -25.02
CA VAL B 9 17.06 -19.36 -26.26
C VAL B 9 15.74 -18.77 -26.74
N THR B 10 15.75 -17.49 -27.08
CA THR B 10 14.57 -16.83 -27.63
C THR B 10 14.78 -16.60 -29.13
N ILE B 11 13.78 -16.95 -29.92
CA ILE B 11 13.89 -16.79 -31.37
C ILE B 11 12.67 -16.10 -31.99
N ARG B 12 12.94 -15.30 -33.03
CA ARG B 12 11.90 -14.74 -33.86
C ARG B 12 11.87 -15.61 -35.13
N TYR B 13 10.70 -16.10 -35.50
CA TYR B 13 10.62 -17.08 -36.59
C TYR B 13 9.51 -16.80 -37.60
N THR B 14 9.65 -17.42 -38.76
CA THR B 14 8.62 -17.38 -39.80
C THR B 14 8.49 -18.76 -40.43
N LEU B 15 7.32 -19.38 -40.28
CA LEU B 15 7.09 -20.71 -40.83
C LEU B 15 6.48 -20.67 -42.21
N GLN B 16 7.11 -21.39 -43.14
CA GLN B 16 6.59 -21.48 -44.50
C GLN B 16 6.46 -22.94 -44.95
N VAL B 17 5.33 -23.26 -45.58
CA VAL B 17 5.15 -24.57 -46.18
C VAL B 17 4.74 -24.42 -47.64
N GLU B 18 5.67 -24.74 -48.53
CA GLU B 18 5.47 -24.65 -49.97
C GLU B 18 5.16 -23.23 -50.47
N GLY B 19 5.51 -22.23 -49.68
CA GLY B 19 5.35 -20.84 -50.08
C GLY B 19 4.29 -20.11 -49.26
N GLU B 20 3.47 -20.88 -48.58
CA GLU B 20 2.47 -20.34 -47.67
C GLU B 20 3.11 -19.96 -46.34
N VAL B 21 3.09 -18.67 -46.01
CA VAL B 21 3.58 -18.22 -44.72
C VAL B 21 2.54 -18.57 -43.66
N LEU B 22 2.66 -19.75 -43.07
CA LEU B 22 1.67 -20.25 -42.13
C LEU B 22 1.63 -19.49 -40.81
N ASP B 23 2.77 -19.39 -40.15
CA ASP B 23 2.80 -18.79 -38.82
C ASP B 23 4.02 -17.91 -38.56
N GLN B 24 3.86 -16.94 -37.67
CA GLN B 24 4.92 -16.03 -37.28
C GLN B 24 4.87 -15.88 -35.77
N GLY B 25 5.89 -15.28 -35.18
CA GLY B 25 5.88 -15.06 -33.75
C GLY B 25 7.24 -15.18 -33.09
N GLU B 26 7.23 -15.29 -31.76
CA GLU B 26 8.45 -15.30 -30.97
C GLU B 26 8.33 -16.22 -29.76
N LEU B 27 9.30 -17.10 -29.58
CA LEU B 27 9.28 -18.05 -28.47
C LEU B 27 10.62 -18.19 -27.77
N SER B 28 10.57 -18.63 -26.52
CA SER B 28 11.77 -19.04 -25.80
C SER B 28 11.70 -20.54 -25.55
N TYR B 29 12.84 -21.20 -25.49
CA TYR B 29 12.86 -22.65 -25.27
C TYR B 29 14.15 -23.11 -24.59
N LEU B 30 14.05 -24.14 -23.76
CA LEU B 30 15.22 -24.73 -23.13
C LEU B 30 15.90 -25.69 -24.09
N HIS B 31 17.15 -25.37 -24.45
CA HIS B 31 17.89 -26.11 -25.46
C HIS B 31 18.52 -27.38 -24.90
N GLY B 32 18.40 -28.48 -25.63
CA GLY B 32 19.01 -29.74 -25.24
C GLY B 32 18.10 -30.59 -24.35
N HIS B 33 16.82 -30.23 -24.30
CA HIS B 33 15.86 -30.96 -23.49
C HIS B 33 14.68 -31.46 -24.31
N ARG B 34 14.91 -31.65 -25.60
CA ARG B 34 13.88 -32.13 -26.53
C ARG B 34 12.60 -31.29 -26.51
N ASN B 35 12.75 -29.99 -26.35
CA ASN B 35 11.60 -29.10 -26.29
C ASN B 35 11.22 -28.51 -27.65
N LEU B 36 12.20 -28.46 -28.55
CA LEU B 36 11.97 -28.03 -29.92
C LEU B 36 11.98 -29.24 -30.83
N ILE B 37 11.42 -29.08 -32.03
CA ILE B 37 11.51 -30.13 -33.03
C ILE B 37 12.98 -30.30 -33.45
N PRO B 38 13.44 -31.56 -33.51
CA PRO B 38 14.85 -31.92 -33.71
C PRO B 38 15.55 -31.16 -34.84
N GLY B 39 14.97 -31.18 -36.03
CA GLY B 39 15.56 -30.50 -37.18
C GLY B 39 15.87 -29.04 -36.91
N LEU B 40 14.91 -28.34 -36.30
CA LEU B 40 15.10 -26.94 -35.97
C LEU B 40 16.14 -26.76 -34.86
N GLU B 41 16.22 -27.72 -33.95
CA GLU B 41 17.17 -27.61 -32.84
C GLU B 41 18.59 -27.91 -33.29
N GLU B 42 18.73 -28.93 -34.15
CA GLU B 42 20.03 -29.26 -34.72
C GLU B 42 20.59 -28.06 -35.46
N ALA B 43 19.70 -27.30 -36.09
CA ALA B 43 20.10 -26.14 -36.89
C ALA B 43 20.48 -24.95 -36.02
N LEU B 44 20.00 -24.95 -34.78
CA LEU B 44 20.23 -23.81 -33.89
C LEU B 44 21.51 -23.93 -33.07
N GLU B 45 22.02 -25.15 -32.94
CA GLU B 45 23.24 -25.40 -32.18
C GLU B 45 24.43 -24.57 -32.67
N GLY B 46 25.02 -23.80 -31.76
CA GLY B 46 26.24 -23.06 -32.06
C GLY B 46 26.06 -21.59 -32.38
N ARG B 47 24.87 -21.22 -32.84
CA ARG B 47 24.60 -19.86 -33.29
C ARG B 47 24.76 -18.83 -32.17
N GLU B 48 25.27 -17.66 -32.52
CA GLU B 48 25.40 -16.55 -31.58
C GLU B 48 24.13 -15.72 -31.55
N GLU B 49 23.99 -14.86 -30.54
CA GLU B 49 22.87 -13.94 -30.46
C GLU B 49 22.87 -13.02 -31.66
N GLY B 50 21.80 -13.04 -32.44
CA GLY B 50 21.68 -12.16 -33.59
C GLY B 50 21.81 -12.86 -34.92
N GLU B 51 22.31 -14.09 -34.91
CA GLU B 51 22.45 -14.86 -36.14
C GLU B 51 21.09 -15.15 -36.78
N ALA B 52 21.02 -14.93 -38.09
CA ALA B 52 19.80 -15.22 -38.83
C ALA B 52 20.11 -16.16 -39.98
N PHE B 53 19.19 -17.08 -40.26
CA PHE B 53 19.42 -18.12 -41.25
C PHE B 53 18.13 -18.77 -41.71
N GLN B 54 18.23 -19.54 -42.79
CA GLN B 54 17.10 -20.33 -43.28
C GLN B 54 17.33 -21.79 -42.88
N ALA B 55 16.24 -22.53 -42.75
CA ALA B 55 16.32 -23.93 -42.36
C ALA B 55 15.17 -24.75 -42.94
N HIS B 56 15.51 -25.86 -43.58
CA HIS B 56 14.50 -26.77 -44.11
C HIS B 56 14.39 -28.00 -43.23
N VAL B 57 13.19 -28.26 -42.72
CA VAL B 57 12.97 -29.37 -41.82
C VAL B 57 11.98 -30.38 -42.40
N PRO B 58 12.47 -31.58 -42.74
CA PRO B 58 11.61 -32.67 -43.18
C PRO B 58 10.62 -33.07 -42.08
N ALA B 59 9.54 -33.73 -42.45
CA ALA B 59 8.55 -34.20 -41.48
C ALA B 59 9.19 -35.15 -40.49
N GLU B 60 10.18 -35.91 -40.97
CA GLU B 60 10.95 -36.83 -40.14
C GLU B 60 11.54 -36.13 -38.91
N LYS B 61 11.97 -34.89 -39.08
CA LYS B 61 12.60 -34.16 -37.98
C LYS B 61 11.68 -33.07 -37.44
N ALA B 62 10.42 -33.09 -37.86
CA ALA B 62 9.44 -32.13 -37.37
C ALA B 62 8.37 -32.76 -36.48
N TYR B 63 7.24 -33.13 -37.07
CA TYR B 63 6.17 -33.77 -36.30
C TYR B 63 5.80 -35.15 -36.85
N GLY B 64 6.74 -35.76 -37.55
CA GLY B 64 6.56 -37.12 -38.03
C GLY B 64 5.55 -37.27 -39.16
N PRO B 65 5.18 -38.53 -39.44
CA PRO B 65 4.30 -38.90 -40.54
C PRO B 65 2.86 -38.56 -40.21
N HIS B 66 1.96 -38.85 -41.14
CA HIS B 66 0.53 -38.66 -40.91
C HIS B 66 -0.18 -40.00 -40.92
N ASP B 67 -0.81 -40.34 -39.80
CA ASP B 67 -1.57 -41.58 -39.70
C ASP B 67 -2.96 -41.34 -40.25
N PRO B 68 -3.31 -42.00 -41.37
CA PRO B 68 -4.65 -41.85 -41.96
C PRO B 68 -5.71 -42.47 -41.05
N GLU B 69 -5.30 -43.36 -40.16
CA GLU B 69 -6.20 -43.93 -39.17
C GLU B 69 -6.54 -42.88 -38.12
N GLY B 70 -5.72 -41.84 -38.05
CA GLY B 70 -5.97 -40.72 -37.16
C GLY B 70 -7.19 -39.93 -37.57
N VAL B 71 -7.57 -40.07 -38.83
CA VAL B 71 -8.78 -39.42 -39.33
C VAL B 71 -10.02 -40.23 -38.94
N GLN B 72 -10.96 -39.56 -38.27
CA GLN B 72 -12.16 -40.21 -37.77
C GLN B 72 -13.39 -39.35 -38.03
N VAL B 73 -14.57 -39.95 -37.86
CA VAL B 73 -15.83 -39.23 -38.03
C VAL B 73 -16.69 -39.35 -36.78
N VAL B 74 -17.12 -38.20 -36.24
CA VAL B 74 -17.96 -38.18 -35.06
C VAL B 74 -19.24 -37.42 -35.32
N PRO B 75 -20.34 -37.80 -34.64
CA PRO B 75 -21.61 -37.08 -34.75
C PRO B 75 -21.54 -35.65 -34.20
N LEU B 76 -22.18 -34.71 -34.89
CA LEU B 76 -22.18 -33.31 -34.50
C LEU B 76 -22.87 -33.10 -33.15
N SER B 77 -23.75 -34.03 -32.77
CA SER B 77 -24.46 -33.94 -31.50
C SER B 77 -23.54 -34.26 -30.32
N ALA B 78 -22.35 -34.78 -30.61
CA ALA B 78 -21.39 -35.12 -29.57
C ALA B 78 -20.51 -33.94 -29.19
N PHE B 79 -20.72 -32.80 -29.85
CA PHE B 79 -19.97 -31.59 -29.55
C PHE B 79 -20.67 -30.77 -28.47
N PRO B 80 -19.90 -29.97 -27.71
CA PRO B 80 -20.47 -29.13 -26.66
C PRO B 80 -21.51 -28.16 -27.20
N GLU B 81 -22.44 -27.74 -26.35
CA GLU B 81 -23.44 -26.76 -26.74
C GLU B 81 -22.80 -25.38 -26.86
N ASP B 82 -23.35 -24.56 -27.76
CA ASP B 82 -22.81 -23.23 -28.05
C ASP B 82 -21.37 -23.28 -28.57
N ALA B 83 -20.96 -24.44 -29.07
CA ALA B 83 -19.60 -24.61 -29.58
C ALA B 83 -19.57 -24.48 -31.11
N GLU B 84 -18.65 -23.68 -31.61
CA GLU B 84 -18.55 -23.43 -33.05
C GLU B 84 -17.73 -24.52 -33.75
N VAL B 85 -18.42 -25.46 -34.37
CA VAL B 85 -17.79 -26.59 -35.04
C VAL B 85 -17.49 -26.27 -36.50
N VAL B 86 -16.30 -25.71 -36.75
CA VAL B 86 -15.91 -25.34 -38.10
C VAL B 86 -14.53 -25.92 -38.43
N PRO B 87 -14.21 -26.03 -39.73
CA PRO B 87 -12.88 -26.51 -40.13
C PRO B 87 -11.76 -25.63 -39.57
N GLY B 88 -10.94 -26.19 -38.70
CA GLY B 88 -9.86 -25.45 -38.07
C GLY B 88 -9.98 -25.44 -36.56
N ALA B 89 -11.20 -25.68 -36.08
CA ALA B 89 -11.47 -25.68 -34.64
C ALA B 89 -10.78 -26.85 -33.95
N GLN B 90 -10.39 -26.63 -32.69
CA GLN B 90 -9.66 -27.63 -31.93
C GLN B 90 -10.44 -28.04 -30.68
N PHE B 91 -10.57 -29.35 -30.46
CA PHE B 91 -11.28 -29.87 -29.30
C PHE B 91 -10.53 -31.03 -28.69
N TYR B 92 -10.94 -31.44 -27.49
CA TYR B 92 -10.26 -32.54 -26.80
C TYR B 92 -11.19 -33.73 -26.56
N ALA B 93 -10.77 -34.90 -27.02
CA ALA B 93 -11.42 -36.14 -26.69
C ALA B 93 -10.59 -36.84 -25.61
N GLN B 94 -11.15 -37.85 -24.97
CA GLN B 94 -10.47 -38.53 -23.89
C GLN B 94 -10.47 -40.04 -24.10
N ASP B 95 -9.30 -40.66 -24.06
CA ASP B 95 -9.24 -42.11 -24.13
C ASP B 95 -9.75 -42.72 -22.82
N MET B 96 -10.09 -44.00 -22.83
CA MET B 96 -10.59 -44.67 -21.64
C MET B 96 -9.57 -44.64 -20.51
N GLU B 97 -8.29 -44.51 -20.89
CA GLU B 97 -7.22 -44.37 -19.92
C GLU B 97 -7.33 -43.03 -19.18
N GLY B 98 -7.84 -42.02 -19.88
CA GLY B 98 -8.08 -40.72 -19.28
C GLY B 98 -7.27 -39.60 -19.91
N ASN B 99 -6.34 -39.96 -20.80
CA ASN B 99 -5.45 -38.98 -21.42
C ASN B 99 -6.14 -38.07 -22.44
N PRO B 100 -5.76 -36.79 -22.46
CA PRO B 100 -6.31 -35.80 -23.40
C PRO B 100 -5.76 -35.98 -24.81
N MET B 101 -6.64 -36.25 -25.77
CA MET B 101 -6.22 -36.34 -27.16
C MET B 101 -6.92 -35.27 -28.01
N PRO B 102 -6.16 -34.22 -28.37
CA PRO B 102 -6.68 -33.09 -29.15
C PRO B 102 -6.97 -33.49 -30.59
N LEU B 103 -7.95 -32.83 -31.20
CA LEU B 103 -8.34 -33.12 -32.57
C LEU B 103 -8.72 -31.83 -33.29
N THR B 104 -8.54 -31.81 -34.60
CA THR B 104 -8.92 -30.66 -35.40
C THR B 104 -10.03 -31.03 -36.37
N VAL B 105 -11.08 -30.22 -36.41
CA VAL B 105 -12.17 -30.43 -37.34
C VAL B 105 -11.70 -30.21 -38.77
N VAL B 106 -11.95 -31.19 -39.62
CA VAL B 106 -11.51 -31.13 -41.01
C VAL B 106 -12.64 -30.65 -41.92
N ALA B 107 -13.83 -31.21 -41.73
CA ALA B 107 -15.00 -30.83 -42.51
C ALA B 107 -16.30 -31.15 -41.78
N VAL B 108 -17.36 -30.41 -42.10
CA VAL B 108 -18.66 -30.65 -41.51
C VAL B 108 -19.70 -30.91 -42.58
N GLU B 109 -20.23 -32.13 -42.62
CA GLU B 109 -21.22 -32.52 -43.61
C GLU B 109 -22.47 -33.08 -42.93
N GLY B 110 -23.46 -32.22 -42.75
CA GLY B 110 -24.67 -32.63 -42.06
C GLY B 110 -24.42 -32.94 -40.59
N GLU B 111 -24.57 -34.20 -40.23
CA GLU B 111 -24.37 -34.62 -38.85
C GLU B 111 -23.00 -35.25 -38.62
N GLU B 112 -22.30 -35.54 -39.71
CA GLU B 112 -21.00 -36.20 -39.64
C GLU B 112 -19.84 -35.20 -39.70
N VAL B 113 -19.01 -35.19 -38.67
CA VAL B 113 -17.87 -34.29 -38.59
C VAL B 113 -16.55 -35.05 -38.71
N THR B 114 -15.77 -34.70 -39.74
CA THR B 114 -14.48 -35.34 -39.94
C THR B 114 -13.39 -34.68 -39.09
N VAL B 115 -12.75 -35.48 -38.25
CA VAL B 115 -11.73 -34.96 -37.35
C VAL B 115 -10.38 -35.63 -37.62
N ASP B 116 -9.32 -35.04 -37.06
CA ASP B 116 -7.97 -35.57 -37.26
C ASP B 116 -7.15 -35.46 -35.98
N PHE B 117 -6.80 -36.61 -35.41
CA PHE B 117 -6.02 -36.65 -34.18
C PHE B 117 -4.53 -36.41 -34.44
N ASN B 118 -4.14 -36.48 -35.71
CA ASN B 118 -2.77 -36.17 -36.10
C ASN B 118 -2.40 -34.73 -35.77
N HIS B 119 -1.11 -34.47 -35.63
CA HIS B 119 -0.64 -33.11 -35.48
C HIS B 119 -0.95 -32.36 -36.76
N PRO B 120 -1.44 -31.12 -36.64
CA PRO B 120 -1.82 -30.31 -37.80
C PRO B 120 -0.69 -30.10 -38.82
N LEU B 121 0.55 -30.38 -38.41
CA LEU B 121 1.69 -30.24 -39.32
C LEU B 121 2.29 -31.59 -39.70
N ALA B 122 1.60 -32.67 -39.32
CA ALA B 122 2.10 -34.02 -39.56
C ALA B 122 2.26 -34.33 -41.04
N GLY B 123 3.35 -35.02 -41.38
CA GLY B 123 3.61 -35.44 -42.75
C GLY B 123 4.13 -34.33 -43.64
N LYS B 124 4.08 -33.09 -43.14
CA LYS B 124 4.48 -31.94 -43.94
C LYS B 124 5.94 -31.55 -43.69
N ASP B 125 6.59 -30.99 -44.71
CA ASP B 125 7.93 -30.45 -44.56
C ASP B 125 7.84 -28.98 -44.18
N LEU B 126 8.76 -28.53 -43.33
CA LEU B 126 8.70 -27.18 -42.80
C LEU B 126 9.89 -26.31 -43.21
N ASP B 127 9.61 -25.02 -43.45
CA ASP B 127 10.66 -24.06 -43.75
C ASP B 127 10.69 -22.95 -42.71
N PHE B 128 11.88 -22.46 -42.37
CA PHE B 128 12.01 -21.46 -41.32
C PHE B 128 12.97 -20.33 -41.67
N GLN B 129 12.52 -19.10 -41.47
CA GLN B 129 13.41 -17.94 -41.46
C GLN B 129 13.61 -17.55 -40.01
N VAL B 130 14.76 -17.92 -39.45
CA VAL B 130 14.97 -17.82 -38.01
C VAL B 130 15.92 -16.68 -37.63
N GLU B 131 15.56 -15.96 -36.57
CA GLU B 131 16.45 -14.97 -35.98
C GLU B 131 16.66 -15.28 -34.51
N VAL B 132 17.92 -15.43 -34.10
CA VAL B 132 18.24 -15.66 -32.69
C VAL B 132 18.22 -14.33 -31.95
N VAL B 133 17.17 -14.12 -31.17
CA VAL B 133 16.99 -12.86 -30.45
C VAL B 133 17.91 -12.78 -29.23
N LYS B 134 17.92 -13.83 -28.42
CA LYS B 134 18.63 -13.80 -27.15
C LYS B 134 19.01 -15.19 -26.67
N VAL B 135 20.15 -15.27 -25.98
CA VAL B 135 20.57 -16.51 -25.32
C VAL B 135 21.04 -16.21 -23.90
N ARG B 136 20.49 -16.92 -22.92
CA ARG B 136 20.90 -16.77 -21.54
C ARG B 136 21.09 -18.14 -20.89
N GLU B 137 21.77 -18.18 -19.75
CA GLU B 137 21.89 -19.41 -19.00
C GLU B 137 20.58 -19.70 -18.29
N ALA B 138 20.25 -20.98 -18.14
CA ALA B 138 19.01 -21.38 -17.49
C ALA B 138 19.13 -21.28 -15.97
N THR B 139 18.02 -21.04 -15.31
CA THR B 139 17.97 -21.05 -13.86
C THR B 139 17.82 -22.49 -13.39
N PRO B 140 18.24 -22.78 -12.15
CA PRO B 140 18.03 -24.12 -11.58
C PRO B 140 16.57 -24.55 -11.66
N GLU B 141 15.66 -23.60 -11.54
CA GLU B 141 14.24 -23.86 -11.69
C GLU B 141 13.93 -24.49 -13.04
N GLU B 142 14.34 -23.79 -14.09
CA GLU B 142 14.08 -24.23 -15.46
C GLU B 142 14.66 -25.62 -15.72
N LEU B 143 15.86 -25.87 -15.22
CA LEU B 143 16.49 -27.17 -15.35
C LEU B 143 15.68 -28.25 -14.62
N LEU B 144 15.13 -27.90 -13.47
CA LEU B 144 14.32 -28.83 -12.69
C LEU B 144 13.03 -29.19 -13.41
N HIS B 145 12.40 -28.20 -14.02
CA HIS B 145 11.15 -28.43 -14.74
C HIS B 145 11.41 -28.93 -16.17
N GLY B 146 12.59 -28.62 -16.69
CA GLY B 146 12.98 -29.10 -18.00
C GLY B 146 12.34 -28.30 -19.13
N HIS B 147 11.83 -27.13 -18.79
CA HIS B 147 11.26 -26.22 -19.77
C HIS B 147 11.74 -24.81 -19.46
N ALA B 148 11.62 -23.91 -20.42
CA ALA B 148 11.93 -22.51 -20.18
C ALA B 148 10.81 -21.89 -19.35
N HIS B 149 11.06 -20.72 -18.79
CA HIS B 149 10.02 -19.98 -18.11
C HIS B 149 9.28 -19.12 -19.13
N PRO B 150 7.94 -19.23 -19.17
CA PRO B 150 7.14 -18.50 -20.15
C PRO B 150 7.06 -17.00 -19.84
N LYS C 7 -19.87 -41.36 -29.68
CA LYS C 7 -19.80 -41.11 -28.25
C LYS C 7 -18.85 -42.11 -27.59
N MET C 8 -18.85 -43.33 -28.11
CA MET C 8 -17.84 -44.33 -27.76
C MET C 8 -17.26 -44.89 -29.05
N LYS C 9 -15.93 -44.73 -29.20
CA LYS C 9 -15.21 -44.76 -30.49
C LYS C 9 -15.44 -43.43 -31.21
N PRO C 10 -14.39 -42.60 -31.32
CA PRO C 10 -12.99 -42.86 -30.98
C PRO C 10 -12.73 -42.73 -29.48
N PHE C 11 -12.65 -43.87 -28.79
CA PHE C 11 -12.61 -43.91 -27.34
C PHE C 11 -13.84 -43.17 -26.83
N ILE C 12 -13.71 -42.23 -25.90
CA ILE C 12 -14.90 -41.45 -25.53
C ILE C 12 -14.74 -39.95 -25.78
N PHE C 13 -15.73 -39.38 -26.47
CA PHE C 13 -15.70 -37.96 -26.82
C PHE C 13 -17.06 -37.29 -26.65
N GLY C 14 -17.06 -36.16 -25.94
CA GLY C 14 -18.20 -35.27 -25.91
C GLY C 14 -19.37 -35.64 -25.02
N ALA C 15 -20.28 -34.70 -24.83
CA ALA C 15 -21.46 -34.89 -23.98
C ALA C 15 -22.44 -35.85 -24.63
N NH2 C 16 -22.96 -35.48 -25.80
N THR D 1 -14.19 36.39 35.93
CA THR D 1 -13.61 35.99 34.67
C THR D 1 -13.41 34.48 34.62
N ARG D 2 -14.36 33.75 34.01
CA ARG D 2 -15.55 34.34 33.40
C ARG D 2 -16.81 33.70 34.00
N TYR D 3 -17.95 34.37 33.83
CA TYR D 3 -19.18 33.85 34.41
C TYR D 3 -20.08 33.14 33.40
N TRP D 4 -21.29 32.83 33.84
CA TRP D 4 -22.03 31.75 33.21
C TRP D 4 -23.22 32.19 32.31
N ASN D 5 -24.01 33.16 32.77
CA ASN D 5 -25.03 33.82 31.97
C ASN D 5 -26.15 32.95 31.39
N PRO D 6 -27.19 32.72 32.19
CA PRO D 6 -28.37 32.00 31.69
C PRO D 6 -29.12 32.80 30.61
N LYS D 7 -28.75 34.06 30.38
CA LYS D 7 -29.42 34.88 29.38
C LYS D 7 -29.08 34.48 27.94
N MET D 8 -28.53 33.27 27.80
CA MET D 8 -28.33 32.65 26.51
C MET D 8 -29.04 31.31 26.60
N LYS D 9 -28.30 30.24 26.32
CA LYS D 9 -28.70 28.90 26.71
C LYS D 9 -27.44 28.07 26.88
N PRO D 10 -26.72 28.30 28.00
CA PRO D 10 -25.43 27.66 28.26
C PRO D 10 -25.57 26.15 28.41
N PHE D 11 -24.66 25.41 27.79
CA PHE D 11 -24.63 23.96 27.94
C PHE D 11 -23.21 23.51 28.28
N ILE D 12 -23.08 22.23 28.58
CA ILE D 12 -21.80 21.67 29.02
C ILE D 12 -21.49 20.34 28.36
N PHE D 13 -20.30 20.22 27.79
CA PHE D 13 -19.84 18.94 27.25
C PHE D 13 -18.52 18.54 27.91
N GLY D 14 -18.17 17.27 27.84
CA GLY D 14 -17.02 16.76 28.55
C GLY D 14 -15.93 16.13 27.71
N ALA D 15 -15.52 16.82 26.66
CA ALA D 15 -14.46 16.31 25.78
C ALA D 15 -13.08 16.63 26.34
N NH2 D 16 -13.05 17.24 27.52
N THR E 1 10.73 -48.99 -32.28
CA THR E 1 9.71 -48.03 -31.88
C THR E 1 10.13 -46.61 -32.28
N ARG E 2 9.15 -45.75 -32.52
CA ARG E 2 9.42 -44.38 -32.94
C ARG E 2 8.21 -43.47 -32.74
N TYR E 3 8.34 -42.51 -31.83
CA TYR E 3 7.24 -41.60 -31.50
C TYR E 3 7.63 -40.13 -31.69
N TRP E 4 6.71 -39.35 -32.24
CA TRP E 4 6.91 -37.91 -32.35
C TRP E 4 6.03 -37.18 -31.36
N ASN E 5 6.65 -36.45 -30.44
CA ASN E 5 5.92 -35.68 -29.46
C ASN E 5 5.19 -34.51 -30.10
N PRO E 6 3.85 -34.55 -30.08
CA PRO E 6 3.07 -33.46 -30.68
C PRO E 6 3.15 -32.17 -29.86
N LYS E 7 3.61 -32.27 -28.62
CA LYS E 7 3.66 -31.11 -27.74
C LYS E 7 4.94 -30.28 -27.92
N MET E 8 5.81 -30.71 -28.83
CA MET E 8 7.05 -29.98 -29.10
C MET E 8 6.77 -28.62 -29.74
N LYS E 9 7.52 -27.61 -29.31
CA LYS E 9 7.46 -26.29 -29.93
C LYS E 9 7.99 -26.36 -31.35
N PRO E 10 7.54 -25.46 -32.24
CA PRO E 10 6.70 -24.28 -32.01
C PRO E 10 5.18 -24.53 -31.98
N PHE E 11 4.67 -25.43 -32.81
CA PHE E 11 3.22 -25.67 -32.77
C PHE E 11 2.86 -26.80 -31.82
N ILE E 12 2.48 -26.42 -30.60
CA ILE E 12 2.10 -27.38 -29.57
C ILE E 12 0.67 -27.86 -29.77
N PHE E 13 0.46 -29.16 -29.63
CA PHE E 13 -0.83 -29.76 -29.85
C PHE E 13 -1.23 -30.62 -28.65
N GLY E 14 -1.98 -30.02 -27.73
CA GLY E 14 -2.45 -30.73 -26.55
C GLY E 14 -2.07 -30.08 -25.24
N ALA E 15 -2.45 -30.72 -24.14
CA ALA E 15 -2.14 -30.23 -22.80
C ALA E 15 -2.36 -31.32 -21.76
N NH2 E 16 -1.87 -31.09 -20.55
N THR F 1 -8.72 47.99 31.19
CA THR F 1 -8.99 46.56 31.22
C THR F 1 -7.69 45.76 31.07
N ARG F 2 -7.69 44.55 31.62
CA ARG F 2 -6.51 43.69 31.60
C ARG F 2 -6.90 42.22 31.67
N TYR F 3 -6.47 41.46 30.66
CA TYR F 3 -6.85 40.05 30.55
C TYR F 3 -5.65 39.12 30.63
N TRP F 4 -5.83 38.01 31.35
CA TRP F 4 -4.83 36.94 31.37
C TRP F 4 -5.32 35.77 30.53
N ASN F 5 -4.44 35.24 29.70
CA ASN F 5 -4.80 34.16 28.79
C ASN F 5 -4.57 32.78 29.41
N PRO F 6 -5.64 32.00 29.57
CA PRO F 6 -5.53 30.68 30.21
C PRO F 6 -4.86 29.63 29.33
N LYS F 7 -4.63 29.95 28.06
CA LYS F 7 -4.06 28.98 27.13
C LYS F 7 -2.54 29.04 27.04
N MET F 8 -1.93 29.98 27.78
CA MET F 8 -0.48 30.12 27.78
C MET F 8 0.22 28.92 28.41
N LYS F 9 1.27 28.44 27.75
CA LYS F 9 2.13 27.38 28.29
C LYS F 9 2.85 27.93 29.52
N PRO F 10 3.31 27.04 30.42
CA PRO F 10 3.36 25.57 30.38
C PRO F 10 2.05 24.87 30.75
N PHE F 11 1.23 25.52 31.57
CA PHE F 11 0.00 24.91 32.06
C PHE F 11 -1.20 25.39 31.26
N ILE F 12 -1.52 24.68 30.18
CA ILE F 12 -2.62 25.10 29.30
C ILE F 12 -3.99 24.64 29.80
N PHE F 13 -4.93 25.58 29.83
CA PHE F 13 -6.28 25.32 30.31
C PHE F 13 -7.28 25.64 29.19
N GLY F 14 -7.70 24.61 28.46
CA GLY F 14 -8.64 24.79 27.37
C GLY F 14 -8.11 24.36 26.01
N ALA F 15 -8.19 25.29 25.05
CA ALA F 15 -7.85 25.15 23.61
C ALA F 15 -9.07 24.94 22.71
N NH2 F 16 -8.92 25.28 21.44
CL CL G . 4.17 27.82 21.02
CL CL H . 10.71 -24.98 -23.36
#